data_6P74
#
_entry.id   6P74
#
_cell.length_a   83.362
_cell.length_b   101.737
_cell.length_c   202.753
_cell.angle_alpha   90.000
_cell.angle_beta   90.000
_cell.angle_gamma   90.000
#
_symmetry.space_group_name_H-M   'I 21 21 21'
#
loop_
_entity.id
_entity.type
_entity.pdbx_description
1 polymer 'Putative ATP-dependent endonuclease of the OLD family'
2 non-polymer 'PLATINUM (II) ION'
3 non-polymer 'SULFATE ION'
4 non-polymer '4-(2-HYDROXYETHYL)-1-PIPERAZINE ETHANESULFONIC ACID'
5 non-polymer 'SAMARIUM (III) ION'
6 water water
#
_entity_poly.entity_id   1
_entity_poly.type   'polypeptide(L)'
_entity_poly.pdbx_seq_one_letter_code
;MLKRLQVKNFRCLEDIDLPLGPLTAIVGPNGAGKTTILRAIDLVLGDVWPSLRSFRIPQDFINFDTTRAIEITVHFDPPY
TQGSFNITAFRLTCKGEDADFHVDLEPLDEGGNVPRYPSGNPLRVGTDMRNHARVLFLDHRRNLAQHLPSIRGSILGRLL
QPVRREFKLQDNFKQVYEQAMDLLRTEQVKQIEKTIAETAKQMLGFLGKDAMKSMEIGFGFADPANPFNSLRLQYRESDL
TLPGDELGLGIQSAIVVGIFEAFRQLGEKIGTVIIEEPEMYLHPQAQRYFYRLLCEMADKDQCQIIYSTHSPIFADVNRF
EALRLVRKDRDDRVVVSYVREEDKSALDNVRNRFKLGGRFDTARNEVLFAKRALLVEGYGDRVAALQLFNQLEVDPDAEC
IAVVDCGGKAGIELIVGVCKALDIPFVVVHDEDVWPIDERADEETRRKQEQENKAEQEKNQRIQACAGAERVFVVQPSLE
AALGIGRNASDKPYRIAEILKTVDVGQPPDALRPFVEAIRQVTRPMEE
;
_entity_poly.pdbx_strand_id   A
#
loop_
_chem_comp.id
_chem_comp.type
_chem_comp.name
_chem_comp.formula
EPE non-polymer '4-(2-HYDROXYETHYL)-1-PIPERAZINE ETHANESULFONIC ACID' 'C8 H18 N2 O4 S'
PT non-polymer 'PLATINUM (II) ION' 'Pt 2'
SM non-polymer 'SAMARIUM (III) ION' 'Sm 3'
SO4 non-polymer 'SULFATE ION' 'O4 S -2'
#
# COMPACT_ATOMS: atom_id res chain seq x y z
N MET A 1 -12.92 0.36 -11.65
CA MET A 1 -11.79 0.08 -10.79
C MET A 1 -11.41 -1.40 -10.79
N LEU A 2 -10.13 -1.66 -10.51
CA LEU A 2 -9.69 -3.04 -10.36
C LEU A 2 -10.31 -3.64 -9.10
N LYS A 3 -10.68 -4.91 -9.19
CA LYS A 3 -11.41 -5.60 -8.14
C LYS A 3 -10.66 -6.78 -7.56
N ARG A 4 -9.72 -7.35 -8.29
CA ARG A 4 -9.14 -8.60 -7.83
C ARG A 4 -7.94 -8.84 -8.71
N LEU A 5 -6.93 -9.51 -8.15
CA LEU A 5 -5.71 -9.87 -8.86
C LEU A 5 -5.40 -11.32 -8.54
N GLN A 6 -5.13 -12.13 -9.56
CA GLN A 6 -4.65 -13.50 -9.37
C GLN A 6 -3.32 -13.66 -10.09
N VAL A 7 -2.34 -14.23 -9.40
CA VAL A 7 -1.02 -14.42 -9.98
C VAL A 7 -0.56 -15.84 -9.69
N LYS A 8 -0.13 -16.54 -10.73
CA LYS A 8 0.37 -17.90 -10.59
C LYS A 8 1.70 -18.01 -11.30
N ASN A 9 2.75 -18.35 -10.55
CA ASN A 9 4.03 -18.75 -11.12
C ASN A 9 4.84 -17.57 -11.66
N PHE A 10 4.58 -16.35 -11.19
CA PHE A 10 5.27 -15.16 -11.67
C PHE A 10 6.29 -14.70 -10.63
N ARG A 11 7.58 -14.86 -10.94
CA ARG A 11 8.67 -14.55 -10.01
C ARG A 11 8.46 -15.26 -8.68
N CYS A 12 8.39 -14.50 -7.58
CA CYS A 12 8.21 -15.13 -6.28
C CYS A 12 6.77 -15.49 -5.97
N LEU A 13 5.81 -15.11 -6.82
CA LEU A 13 4.38 -15.30 -6.54
C LEU A 13 3.94 -16.64 -7.12
N GLU A 14 4.00 -17.70 -6.30
CA GLU A 14 3.58 -19.01 -6.78
C GLU A 14 2.09 -19.05 -7.04
N ASP A 15 1.30 -18.57 -6.08
CA ASP A 15 -0.16 -18.57 -6.21
C ASP A 15 -0.57 -17.49 -5.21
N ILE A 16 -1.44 -16.57 -5.64
CA ILE A 16 -1.93 -15.52 -4.76
C ILE A 16 -3.21 -15.02 -5.39
N ASP A 17 -4.08 -14.50 -4.52
CA ASP A 17 -5.40 -14.03 -4.93
C ASP A 17 -5.81 -12.94 -3.95
N LEU A 18 -5.87 -11.68 -4.39
CA LEU A 18 -6.29 -10.69 -3.42
C LEU A 18 -7.34 -9.76 -3.97
N PRO A 19 -8.25 -9.31 -3.12
CA PRO A 19 -9.19 -8.25 -3.54
C PRO A 19 -8.47 -6.93 -3.66
N LEU A 20 -9.02 -6.07 -4.52
CA LEU A 20 -8.53 -4.72 -4.70
C LEU A 20 -9.69 -3.76 -4.44
N GLY A 21 -9.42 -2.71 -3.69
CA GLY A 21 -10.43 -1.72 -3.37
C GLY A 21 -10.03 -0.31 -3.75
N PRO A 22 -10.89 0.66 -3.46
CA PRO A 22 -10.65 2.03 -3.95
C PRO A 22 -9.33 2.58 -3.45
N LEU A 23 -8.96 2.20 -2.22
CA LEU A 23 -7.62 2.40 -1.70
C LEU A 23 -7.12 1.02 -1.31
N THR A 24 -5.98 0.63 -1.87
CA THR A 24 -5.35 -0.65 -1.53
C THR A 24 -3.93 -0.35 -1.07
N ALA A 25 -3.65 -0.61 0.22
CA ALA A 25 -2.36 -0.30 0.83
C ALA A 25 -1.66 -1.63 1.08
N ILE A 26 -0.56 -1.84 0.38
CA ILE A 26 0.13 -3.12 0.37
C ILE A 26 1.42 -2.99 1.19
N VAL A 27 1.53 -3.77 2.25
CA VAL A 27 2.66 -3.71 3.17
C VAL A 27 3.25 -5.10 3.36
N GLY A 28 4.49 -5.13 3.85
CA GLY A 28 5.21 -6.37 4.06
C GLY A 28 6.69 -6.15 3.83
N PRO A 29 7.52 -7.13 4.19
CA PRO A 29 8.98 -6.96 4.07
C PRO A 29 9.45 -6.96 2.63
N ASN A 30 10.71 -6.52 2.48
CA ASN A 30 11.32 -6.32 1.17
C ASN A 30 11.69 -7.65 0.52
N GLY A 31 11.27 -7.82 -0.73
CA GLY A 31 11.48 -9.05 -1.46
C GLY A 31 10.46 -10.12 -1.20
N ALA A 32 9.51 -9.86 -0.31
CA ALA A 32 8.50 -10.81 0.09
C ALA A 32 7.27 -10.82 -0.81
N GLY A 33 7.27 -10.04 -1.91
CA GLY A 33 6.22 -10.09 -2.92
C GLY A 33 5.51 -8.76 -3.20
N LYS A 34 5.67 -7.79 -2.31
CA LYS A 34 5.05 -6.46 -2.38
C LYS A 34 5.13 -5.84 -3.78
N THR A 35 6.35 -5.59 -4.24
CA THR A 35 6.55 -4.90 -5.52
C THR A 35 6.16 -5.79 -6.69
N THR A 36 6.32 -7.10 -6.54
CA THR A 36 5.96 -8.03 -7.61
C THR A 36 4.46 -8.03 -7.87
N ILE A 37 3.65 -7.87 -6.82
CA ILE A 37 2.22 -7.67 -7.03
C ILE A 37 1.99 -6.46 -7.94
N LEU A 38 2.62 -5.33 -7.63
CA LEU A 38 2.42 -4.14 -8.44
C LEU A 38 2.88 -4.36 -9.88
N ARG A 39 4.05 -5.01 -10.07
CA ARG A 39 4.56 -5.21 -11.43
C ARG A 39 3.62 -6.11 -12.24
N ALA A 40 3.00 -7.10 -11.59
CA ALA A 40 2.08 -7.98 -12.29
C ALA A 40 0.90 -7.20 -12.85
N ILE A 41 0.34 -6.27 -12.07
CA ILE A 41 -0.74 -5.44 -12.57
C ILE A 41 -0.26 -4.64 -13.77
N ASP A 42 0.94 -4.07 -13.66
CA ASP A 42 1.44 -3.22 -14.74
C ASP A 42 1.67 -3.99 -16.04
N LEU A 43 2.03 -5.28 -15.94
CA LEU A 43 2.22 -6.11 -17.12
C LEU A 43 0.96 -6.18 -17.95
N VAL A 44 -0.18 -6.33 -17.29
CA VAL A 44 -1.45 -6.48 -17.98
C VAL A 44 -2.03 -5.15 -18.41
N LEU A 45 -1.88 -4.12 -17.57
CA LEU A 45 -2.62 -2.87 -17.72
C LEU A 45 -1.76 -1.63 -17.83
N GLY A 46 -0.44 -1.78 -17.85
CA GLY A 46 0.46 -0.65 -18.07
C GLY A 46 0.38 -0.20 -19.52
N ASP A 47 1.23 0.74 -19.88
CA ASP A 47 1.10 1.37 -21.17
C ASP A 47 1.91 0.67 -22.27
N VAL A 48 2.38 -0.55 -22.03
CA VAL A 48 3.02 -1.36 -23.06
C VAL A 48 2.16 -2.61 -23.31
N TRP A 49 1.79 -2.82 -24.57
CA TRP A 49 0.94 -3.95 -24.89
C TRP A 49 1.62 -5.26 -24.48
N PRO A 50 0.96 -6.10 -23.68
CA PRO A 50 1.59 -7.35 -23.21
C PRO A 50 1.90 -8.27 -24.39
N SER A 51 3.16 -8.63 -24.52
CA SER A 51 3.56 -9.60 -25.53
C SER A 51 4.76 -10.38 -25.00
N LEU A 52 5.32 -11.23 -25.85
CA LEU A 52 6.49 -12.00 -25.46
C LEU A 52 7.64 -11.08 -25.06
N ARG A 53 7.69 -9.87 -25.65
CA ARG A 53 8.69 -8.86 -25.28
C ARG A 53 8.47 -8.30 -23.89
N SER A 54 7.37 -8.64 -23.22
CA SER A 54 7.11 -8.11 -21.89
C SER A 54 7.79 -8.94 -20.80
N PHE A 55 8.13 -10.20 -21.07
CA PHE A 55 8.65 -11.11 -20.07
C PHE A 55 10.15 -11.31 -20.25
N ARG A 56 10.81 -11.62 -19.14
CA ARG A 56 12.16 -12.16 -19.16
C ARG A 56 12.06 -13.68 -18.98
N ILE A 57 12.61 -14.43 -19.92
CA ILE A 57 12.61 -15.89 -19.91
C ILE A 57 14.04 -16.36 -19.72
N PRO A 58 14.37 -17.05 -18.61
CA PRO A 58 13.41 -17.58 -17.62
C PRO A 58 13.21 -16.74 -16.37
N GLN A 59 13.88 -15.59 -16.26
CA GLN A 59 13.88 -14.75 -15.06
C GLN A 59 12.51 -14.60 -14.40
N ASP A 60 11.44 -14.55 -15.19
CA ASP A 60 10.12 -14.22 -14.65
C ASP A 60 9.32 -15.43 -14.19
N PHE A 61 9.77 -16.64 -14.49
CA PHE A 61 9.11 -17.84 -14.01
C PHE A 61 9.59 -18.19 -12.60
N ILE A 62 8.69 -18.76 -11.80
CA ILE A 62 9.11 -19.31 -10.52
C ILE A 62 10.30 -20.23 -10.71
N ASN A 63 11.30 -20.10 -9.84
CA ASN A 63 12.49 -20.95 -9.86
C ASN A 63 13.18 -20.98 -11.24
N PHE A 64 12.89 -19.99 -12.09
CA PHE A 64 13.30 -20.00 -13.49
C PHE A 64 12.86 -21.30 -14.16
N ASP A 65 11.65 -21.77 -13.80
CA ASP A 65 11.18 -23.10 -14.18
C ASP A 65 10.90 -23.23 -15.68
N THR A 66 9.85 -22.57 -16.17
CA THR A 66 9.34 -22.54 -17.54
C THR A 66 8.58 -23.80 -17.94
N THR A 67 8.61 -24.86 -17.14
CA THR A 67 7.62 -25.92 -17.30
C THR A 67 6.30 -25.55 -16.64
N ARG A 68 6.26 -24.41 -15.95
CA ARG A 68 5.04 -23.87 -15.38
C ARG A 68 4.61 -22.65 -16.17
N ALA A 69 3.31 -22.41 -16.21
CA ALA A 69 2.78 -21.28 -16.96
C ALA A 69 2.58 -20.09 -16.02
N ILE A 70 3.13 -18.95 -16.40
CA ILE A 70 2.79 -17.70 -15.73
C ILE A 70 1.35 -17.32 -16.08
N GLU A 71 0.58 -16.94 -15.06
CA GLU A 71 -0.82 -16.55 -15.22
C GLU A 71 -1.12 -15.33 -14.36
N ILE A 72 -1.50 -14.22 -14.98
CA ILE A 72 -1.94 -13.05 -14.23
C ILE A 72 -3.35 -12.69 -14.69
N THR A 73 -4.30 -12.68 -13.75
CA THR A 73 -5.68 -12.36 -14.04
C THR A 73 -6.07 -11.10 -13.28
N VAL A 74 -6.54 -10.08 -13.98
CA VAL A 74 -7.02 -8.85 -13.35
C VAL A 74 -8.51 -8.72 -13.60
N HIS A 75 -9.28 -8.57 -12.53
CA HIS A 75 -10.72 -8.39 -12.59
C HIS A 75 -11.07 -6.93 -12.35
N PHE A 76 -12.14 -6.48 -13.01
CA PHE A 76 -12.53 -5.09 -12.87
C PHE A 76 -14.03 -4.93 -12.98
N ASP A 77 -14.50 -3.71 -12.68
CA ASP A 77 -15.89 -3.36 -12.60
C ASP A 77 -15.99 -1.87 -12.83
N PRO A 78 -16.95 -1.40 -13.64
CA PRO A 78 -17.99 -2.17 -14.33
C PRO A 78 -17.47 -2.95 -15.52
N PRO A 79 -18.28 -3.88 -16.05
CA PRO A 79 -17.85 -4.67 -17.20
C PRO A 79 -17.64 -3.80 -18.43
N TYR A 80 -16.77 -4.28 -19.31
CA TYR A 80 -16.59 -3.64 -20.61
C TYR A 80 -17.53 -4.31 -21.61
N THR A 81 -18.36 -3.52 -22.26
CA THR A 81 -19.27 -4.05 -23.27
C THR A 81 -18.60 -4.01 -24.64
N GLN A 82 -18.44 -5.17 -25.27
CA GLN A 82 -18.02 -5.26 -26.66
C GLN A 82 -19.11 -5.99 -27.46
N GLY A 83 -19.85 -5.26 -28.26
CA GLY A 83 -20.96 -5.87 -28.98
C GLY A 83 -21.93 -6.55 -28.03
N SER A 84 -21.98 -7.88 -28.07
CA SER A 84 -22.87 -8.63 -27.19
C SER A 84 -22.13 -9.26 -26.01
N PHE A 85 -20.86 -8.94 -25.83
CA PHE A 85 -20.07 -9.50 -24.75
C PHE A 85 -19.84 -8.47 -23.65
N ASN A 86 -19.87 -8.93 -22.41
CA ASN A 86 -19.51 -8.11 -21.25
C ASN A 86 -18.29 -8.74 -20.59
N ILE A 87 -17.14 -8.11 -20.75
CA ILE A 87 -15.89 -8.60 -20.21
C ILE A 87 -15.65 -7.97 -18.85
N THR A 88 -15.24 -8.80 -17.89
CA THR A 88 -14.99 -8.34 -16.53
C THR A 88 -13.58 -8.66 -16.04
N ALA A 89 -12.70 -9.14 -16.90
CA ALA A 89 -11.34 -9.48 -16.48
C ALA A 89 -10.50 -9.82 -17.69
N PHE A 90 -9.19 -9.68 -17.53
CA PHE A 90 -8.19 -10.09 -18.49
C PHE A 90 -7.29 -11.13 -17.86
N ARG A 91 -6.87 -12.13 -18.65
CA ARG A 91 -5.95 -13.15 -18.17
C ARG A 91 -4.73 -13.20 -19.09
N LEU A 92 -3.56 -12.89 -18.53
CA LEU A 92 -2.32 -12.88 -19.28
C LEU A 92 -1.56 -14.16 -18.96
N THR A 93 -1.27 -14.95 -19.98
CA THR A 93 -0.56 -16.21 -19.81
C THR A 93 0.75 -16.15 -20.57
N CYS A 94 1.81 -16.68 -19.97
CA CYS A 94 3.08 -16.86 -20.67
C CYS A 94 3.57 -18.27 -20.35
N LYS A 95 3.62 -19.12 -21.38
CA LYS A 95 4.02 -20.51 -21.22
C LYS A 95 4.75 -20.96 -22.46
N GLY A 96 5.02 -22.24 -22.55
CA GLY A 96 5.64 -22.78 -23.73
C GLY A 96 6.20 -24.15 -23.43
N GLU A 97 6.45 -24.92 -24.48
CA GLU A 97 7.31 -26.08 -24.35
C GLU A 97 8.53 -25.62 -25.13
N ASP A 98 9.71 -25.92 -24.60
CA ASP A 98 10.95 -25.42 -25.21
C ASP A 98 10.96 -25.71 -26.70
N ALA A 99 11.42 -24.72 -27.47
CA ALA A 99 11.91 -23.45 -26.91
C ALA A 99 11.13 -22.26 -27.45
N ASP A 100 9.85 -22.46 -27.76
CA ASP A 100 8.97 -21.40 -28.24
C ASP A 100 7.91 -21.12 -27.18
N PHE A 101 8.10 -20.01 -26.47
CA PHE A 101 7.12 -19.49 -25.54
C PHE A 101 6.24 -18.47 -26.25
N HIS A 102 5.10 -18.18 -25.63
CA HIS A 102 4.12 -17.26 -26.21
C HIS A 102 3.25 -16.75 -25.09
N VAL A 103 2.60 -15.63 -25.33
CA VAL A 103 1.71 -15.05 -24.33
C VAL A 103 0.36 -14.81 -24.97
N ASP A 104 -0.69 -15.02 -24.19
CA ASP A 104 -2.06 -14.74 -24.59
C ASP A 104 -2.66 -13.73 -23.60
N LEU A 105 -3.44 -12.80 -24.12
CA LEU A 105 -4.21 -11.88 -23.30
C LEU A 105 -5.68 -12.23 -23.51
N GLU A 106 -6.28 -12.91 -22.55
CA GLU A 106 -7.61 -13.34 -22.92
C GLU A 106 -8.67 -12.55 -22.17
N PRO A 107 -9.79 -12.24 -22.84
CA PRO A 107 -10.93 -11.67 -22.13
C PRO A 107 -11.74 -12.75 -21.45
N LEU A 108 -12.32 -12.39 -20.31
CA LEU A 108 -13.12 -13.28 -19.49
C LEU A 108 -14.43 -12.60 -19.18
N ASP A 109 -15.50 -13.39 -19.16
CA ASP A 109 -16.81 -12.87 -18.79
C ASP A 109 -17.05 -13.09 -17.29
N GLU A 110 -18.20 -12.58 -16.83
CA GLU A 110 -18.63 -12.73 -15.45
C GLU A 110 -18.27 -14.09 -14.86
N GLY A 111 -18.52 -15.16 -15.61
CA GLY A 111 -18.32 -16.51 -15.14
C GLY A 111 -16.95 -17.10 -15.35
N GLY A 112 -15.96 -16.30 -15.71
CA GLY A 112 -14.60 -16.78 -15.84
C GLY A 112 -14.28 -17.53 -17.12
N ASN A 113 -15.14 -17.43 -18.13
CA ASN A 113 -14.91 -18.08 -19.43
C ASN A 113 -14.52 -17.07 -20.49
N VAL A 114 -13.77 -17.53 -21.48
CA VAL A 114 -13.47 -16.72 -22.65
C VAL A 114 -14.63 -16.82 -23.62
N PRO A 115 -15.32 -15.72 -23.92
CA PRO A 115 -16.42 -15.78 -24.89
C PRO A 115 -15.92 -16.18 -26.26
N ARG A 116 -16.72 -16.96 -26.98
CA ARG A 116 -16.40 -17.22 -28.38
C ARG A 116 -17.57 -16.80 -29.26
N TYR A 117 -17.24 -16.54 -30.52
CA TYR A 117 -18.23 -16.17 -31.50
C TYR A 117 -18.99 -17.40 -31.97
N PRO A 118 -20.11 -17.21 -32.66
CA PRO A 118 -20.77 -18.35 -33.30
C PRO A 118 -19.83 -19.12 -34.20
N SER A 119 -18.86 -18.43 -34.79
CA SER A 119 -17.83 -19.10 -35.59
C SER A 119 -17.01 -20.07 -34.76
N GLY A 120 -16.98 -19.90 -33.43
CA GLY A 120 -16.21 -20.76 -32.56
C GLY A 120 -14.89 -20.16 -32.12
N ASN A 121 -14.41 -19.12 -32.79
CA ASN A 121 -13.17 -18.47 -32.39
C ASN A 121 -13.38 -17.67 -31.10
N PRO A 122 -12.41 -17.69 -30.18
CA PRO A 122 -12.55 -16.90 -28.95
C PRO A 122 -12.50 -15.40 -29.21
N LEU A 123 -13.13 -14.66 -28.31
CA LEU A 123 -13.01 -13.21 -28.29
C LEU A 123 -11.60 -12.82 -27.88
N ARG A 124 -10.97 -11.93 -28.65
CA ARG A 124 -9.64 -11.47 -28.37
C ARG A 124 -9.72 -10.10 -27.70
N VAL A 125 -8.68 -9.75 -26.96
CA VAL A 125 -8.62 -8.46 -26.29
C VAL A 125 -8.14 -7.42 -27.29
N GLY A 126 -9.00 -6.41 -27.53
CA GLY A 126 -8.67 -5.33 -28.44
C GLY A 126 -8.13 -4.10 -27.71
N THR A 127 -7.70 -3.13 -28.50
CA THR A 127 -7.11 -1.90 -27.97
C THR A 127 -8.07 -1.17 -27.05
N ASP A 128 -9.26 -0.82 -27.56
CA ASP A 128 -10.22 -0.10 -26.75
C ASP A 128 -10.53 -0.87 -25.47
N MET A 129 -10.60 -2.19 -25.58
CA MET A 129 -10.94 -3.01 -24.43
C MET A 129 -9.85 -2.94 -23.36
N ARG A 130 -8.59 -3.07 -23.76
CA ARG A 130 -7.53 -3.02 -22.78
C ARG A 130 -7.35 -1.61 -22.22
N ASN A 131 -7.42 -0.58 -23.08
CA ASN A 131 -7.28 0.78 -22.58
C ASN A 131 -8.41 1.15 -21.61
N HIS A 132 -9.54 0.47 -21.71
CA HIS A 132 -10.60 0.60 -20.72
C HIS A 132 -10.03 0.62 -19.31
N ALA A 133 -9.14 -0.33 -19.01
CA ALA A 133 -8.71 -0.60 -17.64
C ALA A 133 -7.26 -0.20 -17.38
N ARG A 134 -6.63 0.58 -18.26
CA ARG A 134 -5.23 0.91 -18.09
C ARG A 134 -4.99 1.73 -16.84
N VAL A 135 -3.82 1.52 -16.24
CA VAL A 135 -3.47 2.12 -14.97
C VAL A 135 -2.31 3.06 -15.18
N LEU A 136 -2.31 4.15 -14.44
CA LEU A 136 -1.10 4.96 -14.30
C LEU A 136 -0.17 4.28 -13.31
N PHE A 137 1.08 4.06 -13.72
CA PHE A 137 2.07 3.45 -12.84
C PHE A 137 3.09 4.51 -12.43
N LEU A 138 3.03 4.95 -11.19
CA LEU A 138 4.04 5.84 -10.63
C LEU A 138 5.07 5.00 -9.88
N ASP A 139 6.11 4.56 -10.59
CA ASP A 139 7.18 3.85 -9.92
C ASP A 139 8.27 4.85 -9.56
N HIS A 140 9.37 4.39 -8.98
CA HIS A 140 10.38 5.37 -8.59
C HIS A 140 10.87 5.78 -9.98
N ARG A 141 10.35 6.92 -10.43
CA ARG A 141 10.91 7.64 -11.55
C ARG A 141 11.60 8.83 -10.92
N ARG A 142 10.93 9.49 -9.98
CA ARG A 142 11.49 10.57 -9.13
C ARG A 142 13.02 10.61 -9.12
N PRO A 149 16.44 17.48 -13.34
CA PRO A 149 15.87 18.81 -13.12
C PRO A 149 14.51 18.99 -13.84
N SER A 150 13.86 17.87 -14.16
CA SER A 150 12.58 17.89 -14.86
C SER A 150 11.85 16.58 -14.60
N ILE A 151 10.53 16.60 -14.84
CA ILE A 151 9.66 15.44 -14.70
C ILE A 151 8.74 15.39 -15.90
N ARG A 152 8.20 14.20 -16.17
CA ARG A 152 7.20 14.03 -17.21
C ARG A 152 6.73 12.57 -17.25
N GLY A 153 5.49 12.36 -17.68
CA GLY A 153 4.97 11.02 -17.80
C GLY A 153 3.50 11.08 -18.17
N SER A 154 2.93 9.90 -18.39
CA SER A 154 1.49 9.83 -18.66
C SER A 154 0.67 10.44 -17.52
N ILE A 155 1.30 10.65 -16.35
CA ILE A 155 0.60 11.28 -15.23
C ILE A 155 0.30 12.74 -15.52
N LEU A 156 1.32 13.51 -15.92
CA LEU A 156 1.09 14.89 -16.31
C LEU A 156 0.22 14.95 -17.56
N GLY A 157 0.46 14.04 -18.51
CA GLY A 157 -0.38 13.98 -19.69
C GLY A 157 -1.85 13.87 -19.38
N ARG A 158 -2.21 13.04 -18.39
CA ARG A 158 -3.61 12.93 -18.06
C ARG A 158 -4.11 14.24 -17.44
N LEU A 159 -3.25 14.97 -16.73
CA LEU A 159 -3.66 16.24 -16.16
C LEU A 159 -4.01 17.26 -17.24
N LEU A 160 -3.20 17.33 -18.29
CA LEU A 160 -3.36 18.32 -19.35
C LEU A 160 -4.40 17.93 -20.41
N GLN A 161 -5.04 16.77 -20.32
CA GLN A 161 -5.86 16.38 -21.46
C GLN A 161 -7.09 17.28 -21.60
N PRO A 162 -7.61 17.88 -20.53
CA PRO A 162 -8.63 18.92 -20.73
C PRO A 162 -8.05 20.19 -21.33
N VAL A 163 -6.76 20.45 -21.12
CA VAL A 163 -6.10 21.60 -21.74
C VAL A 163 -5.86 21.34 -23.22
N ARG A 164 -5.21 20.21 -23.53
CA ARG A 164 -4.99 19.81 -24.92
C ARG A 164 -6.29 19.84 -25.73
N ARG A 165 -7.43 19.68 -25.06
CA ARG A 165 -8.72 19.67 -25.75
C ARG A 165 -9.07 21.07 -26.25
N GLU A 166 -9.28 22.02 -25.34
CA GLU A 166 -9.72 23.36 -25.71
C GLU A 166 -8.62 24.20 -26.32
N PHE A 167 -7.45 23.63 -26.59
CA PHE A 167 -6.39 24.37 -27.25
C PHE A 167 -6.81 24.75 -28.67
N LYS A 168 -6.54 26.00 -29.06
CA LYS A 168 -6.95 26.47 -30.38
C LYS A 168 -5.91 27.33 -31.08
N LEU A 169 -4.68 27.43 -30.57
CA LEU A 169 -3.62 28.23 -31.17
C LEU A 169 -2.51 27.38 -31.79
N GLN A 170 -2.86 26.20 -32.32
CA GLN A 170 -1.85 25.28 -32.84
C GLN A 170 -1.06 25.92 -33.97
N ASP A 171 -1.75 26.65 -34.86
CA ASP A 171 -1.07 27.25 -36.00
C ASP A 171 -0.06 28.31 -35.56
N ASN A 172 -0.44 29.17 -34.62
CA ASN A 172 0.51 30.16 -34.15
C ASN A 172 1.69 29.50 -33.46
N PHE A 173 1.43 28.46 -32.67
CA PHE A 173 2.52 27.82 -31.95
C PHE A 173 3.54 27.21 -32.90
N LYS A 174 3.07 26.63 -34.00
CA LYS A 174 4.00 26.03 -34.97
C LYS A 174 5.00 27.05 -35.49
N GLN A 175 4.53 28.27 -35.79
CA GLN A 175 5.43 29.24 -36.40
C GLN A 175 6.43 29.80 -35.39
N VAL A 176 6.00 30.00 -34.15
CA VAL A 176 6.94 30.46 -33.13
C VAL A 176 7.90 29.34 -32.76
N TYR A 177 7.39 28.11 -32.66
CA TYR A 177 8.24 26.98 -32.33
C TYR A 177 9.35 26.81 -33.38
N GLU A 178 8.99 26.76 -34.67
CA GLU A 178 9.99 26.65 -35.73
C GLU A 178 10.97 27.81 -35.70
N GLN A 179 10.46 29.01 -35.44
CA GLN A 179 11.32 30.18 -35.30
C GLN A 179 12.40 29.94 -34.23
N ALA A 180 12.03 29.29 -33.12
CA ALA A 180 13.01 29.00 -32.09
C ALA A 180 13.96 27.89 -32.51
N MET A 181 13.43 26.86 -33.19
CA MET A 181 14.30 25.79 -33.67
C MET A 181 15.33 26.31 -34.68
N ASP A 182 14.99 27.35 -35.45
CA ASP A 182 15.94 27.89 -36.42
C ASP A 182 17.13 28.56 -35.74
N LEU A 183 16.94 29.13 -34.54
CA LEU A 183 18.07 29.69 -33.81
C LEU A 183 19.07 28.62 -33.41
N LEU A 184 18.58 27.38 -33.24
CA LEU A 184 19.45 26.27 -32.87
C LEU A 184 20.13 25.64 -34.07
N ARG A 185 19.48 25.67 -35.24
CA ARG A 185 19.93 24.86 -36.37
C ARG A 185 21.06 25.78 -36.87
N THR A 186 22.25 25.49 -36.34
CA THR A 186 23.53 25.89 -36.91
C THR A 186 23.84 24.98 -38.09
N GLU A 187 24.78 25.39 -38.94
CA GLU A 187 25.23 24.53 -40.02
C GLU A 187 25.74 23.17 -39.50
N GLN A 188 26.49 23.18 -38.39
CA GLN A 188 26.97 21.91 -37.85
C GLN A 188 25.83 21.06 -37.33
N VAL A 189 24.83 21.69 -36.70
CA VAL A 189 23.68 20.95 -36.21
C VAL A 189 22.97 20.25 -37.36
N LYS A 190 22.80 20.95 -38.49
CA LYS A 190 22.08 20.38 -39.62
C LYS A 190 22.85 19.22 -40.24
N GLN A 191 24.19 19.29 -40.28
CA GLN A 191 24.97 18.16 -40.78
C GLN A 191 24.92 16.97 -39.83
N ILE A 192 24.90 17.22 -38.51
CA ILE A 192 24.72 16.13 -37.57
C ILE A 192 23.35 15.50 -37.73
N GLU A 193 22.32 16.33 -37.89
CA GLU A 193 20.97 15.83 -38.06
C GLU A 193 20.83 15.04 -39.36
N LYS A 194 21.45 15.51 -40.45
CA LYS A 194 21.38 14.80 -41.71
C LYS A 194 22.12 13.46 -41.64
N THR A 195 23.25 13.42 -40.94
CA THR A 195 23.93 12.14 -40.78
C THR A 195 23.04 11.15 -40.04
N ILE A 196 22.44 11.58 -38.92
CA ILE A 196 21.54 10.71 -38.17
C ILE A 196 20.39 10.22 -39.07
N ALA A 197 19.66 11.15 -39.67
CA ALA A 197 18.45 10.81 -40.39
C ALA A 197 18.74 9.96 -41.62
N GLU A 198 19.78 10.29 -42.36
CA GLU A 198 20.11 9.49 -43.54
C GLU A 198 20.54 8.09 -43.13
N THR A 199 21.32 7.98 -42.07
CA THR A 199 21.77 6.66 -41.63
C THR A 199 20.59 5.82 -41.15
N ALA A 200 19.78 6.38 -40.26
CA ALA A 200 18.58 5.68 -39.82
C ALA A 200 17.72 5.22 -40.99
N LYS A 201 17.58 6.06 -42.03
CA LYS A 201 16.72 5.68 -43.14
C LYS A 201 17.33 4.53 -43.93
N GLN A 202 18.65 4.52 -44.06
CA GLN A 202 19.32 3.41 -44.70
C GLN A 202 19.15 2.12 -43.89
N MET A 203 19.31 2.20 -42.57
CA MET A 203 19.04 1.03 -41.74
C MET A 203 17.61 0.55 -41.93
N LEU A 204 16.66 1.47 -42.06
CA LEU A 204 15.26 1.09 -42.21
C LEU A 204 14.98 0.56 -43.59
N GLY A 205 15.75 1.01 -44.57
CA GLY A 205 15.56 0.55 -45.93
C GLY A 205 15.80 -0.94 -46.10
N PHE A 206 16.69 -1.51 -45.27
CA PHE A 206 16.94 -2.95 -45.33
C PHE A 206 15.71 -3.78 -45.01
N LEU A 207 14.72 -3.19 -44.32
CA LEU A 207 13.46 -3.89 -44.06
C LEU A 207 12.61 -4.06 -45.31
N GLY A 208 12.96 -3.43 -46.42
CA GLY A 208 12.25 -3.58 -47.67
C GLY A 208 10.99 -2.75 -47.79
N LYS A 209 10.38 -2.36 -46.67
CA LYS A 209 9.18 -1.53 -46.62
C LYS A 209 9.44 -0.18 -47.27
N ASP A 210 8.86 0.04 -48.46
CA ASP A 210 9.00 1.29 -49.19
C ASP A 210 7.66 1.66 -49.80
N ALA A 211 7.44 2.95 -50.04
CA ALA A 211 8.44 4.02 -49.94
C ALA A 211 9.10 4.14 -48.56
N MET A 212 8.30 4.47 -47.54
CA MET A 212 8.81 4.73 -46.19
C MET A 212 9.55 6.06 -46.19
N LYS A 213 9.78 6.63 -47.38
CA LYS A 213 10.44 7.89 -47.65
C LYS A 213 9.58 9.08 -47.26
N SER A 214 8.48 8.82 -46.57
CA SER A 214 7.59 9.86 -46.06
C SER A 214 7.94 10.27 -44.63
N MET A 215 9.03 9.73 -44.10
CA MET A 215 9.34 9.83 -42.68
C MET A 215 10.28 11.01 -42.42
N GLU A 216 9.91 11.85 -41.47
CA GLU A 216 10.75 12.97 -41.08
C GLU A 216 11.44 12.62 -39.78
N ILE A 217 12.77 12.76 -39.77
CA ILE A 217 13.57 12.53 -38.59
C ILE A 217 14.44 13.76 -38.40
N GLY A 218 14.36 14.36 -37.22
CA GLY A 218 15.13 15.57 -36.96
C GLY A 218 15.15 15.88 -35.49
N PHE A 219 15.84 16.97 -35.16
CA PHE A 219 15.91 17.50 -33.80
C PHE A 219 14.67 18.33 -33.48
N GLY A 220 14.46 18.55 -32.19
CA GLY A 220 13.35 19.36 -31.71
C GLY A 220 13.08 19.06 -30.25
N PHE A 221 12.15 19.83 -29.67
CA PHE A 221 11.70 19.53 -28.31
C PHE A 221 10.19 19.49 -28.18
N ALA A 222 9.46 19.30 -29.28
CA ALA A 222 8.02 19.12 -29.14
C ALA A 222 7.45 18.71 -30.48
N ASP A 223 6.33 18.00 -30.45
CA ASP A 223 5.50 17.86 -31.63
C ASP A 223 4.69 19.15 -31.73
N PRO A 224 4.98 20.02 -32.70
CA PRO A 224 4.23 21.30 -32.78
C PRO A 224 2.74 21.10 -32.99
N ALA A 225 2.32 19.95 -33.53
CA ALA A 225 0.89 19.67 -33.67
C ALA A 225 0.25 19.42 -32.31
N ASN A 226 0.93 18.70 -31.43
CA ASN A 226 0.41 18.33 -30.10
C ASN A 226 1.43 18.74 -29.05
N PRO A 227 1.51 20.03 -28.72
CA PRO A 227 2.60 20.51 -27.85
C PRO A 227 2.46 20.07 -26.40
N PHE A 228 1.23 19.98 -25.89
CA PHE A 228 1.00 19.52 -24.52
C PHE A 228 1.46 18.07 -24.28
N ASN A 229 1.98 17.38 -25.29
CA ASN A 229 2.56 16.06 -25.10
C ASN A 229 4.04 16.08 -24.77
N SER A 230 4.67 17.24 -24.83
CA SER A 230 6.07 17.39 -24.46
C SER A 230 6.25 18.34 -23.27
N LEU A 231 5.16 18.90 -22.75
CA LEU A 231 5.26 19.79 -21.60
C LEU A 231 5.71 19.00 -20.38
N ARG A 232 6.58 19.61 -19.59
CA ARG A 232 7.04 19.01 -18.35
C ARG A 232 7.02 20.08 -17.26
N LEU A 233 7.09 19.63 -16.01
CA LEU A 233 7.40 20.55 -14.92
C LEU A 233 8.91 20.68 -14.80
N GLN A 234 9.40 21.90 -14.62
CA GLN A 234 10.84 22.09 -14.47
C GLN A 234 11.11 23.12 -13.39
N TYR A 235 12.37 23.17 -12.95
CA TYR A 235 12.83 24.09 -11.92
C TYR A 235 14.32 24.32 -12.11
N ARG A 236 14.84 25.33 -11.39
CA ARG A 236 16.19 25.83 -11.66
C ARG A 236 17.28 24.90 -11.13
N GLU A 237 17.36 24.81 -9.80
CA GLU A 237 18.39 23.92 -9.22
C GLU A 237 19.17 24.69 -8.14
N ASP A 245 21.03 13.72 -6.56
CA ASP A 245 20.71 14.90 -5.76
C ASP A 245 19.52 14.59 -4.87
N GLU A 246 19.78 14.37 -3.58
CA GLU A 246 18.66 14.13 -2.66
C GLU A 246 17.72 15.32 -2.61
N LEU A 247 18.26 16.54 -2.72
CA LEU A 247 17.41 17.72 -2.80
C LEU A 247 16.54 17.67 -4.05
N GLY A 248 17.14 17.33 -5.19
CA GLY A 248 16.37 17.19 -6.41
C GLY A 248 15.28 16.14 -6.30
N LEU A 249 15.59 15.01 -5.64
CA LEU A 249 14.59 13.97 -5.51
C LEU A 249 13.40 14.44 -4.67
N GLY A 250 13.68 15.14 -3.57
CA GLY A 250 12.60 15.69 -2.76
C GLY A 250 11.74 16.68 -3.53
N ILE A 251 12.38 17.53 -4.35
CA ILE A 251 11.63 18.48 -5.15
C ILE A 251 10.71 17.75 -6.12
N GLN A 252 11.21 16.69 -6.75
CA GLN A 252 10.37 15.96 -7.70
C GLN A 252 9.22 15.25 -7.01
N SER A 253 9.44 14.77 -5.78
CA SER A 253 8.35 14.19 -5.00
C SER A 253 7.32 15.25 -4.64
N ALA A 254 7.79 16.45 -4.28
CA ALA A 254 6.88 17.54 -3.98
C ALA A 254 6.06 17.93 -5.20
N ILE A 255 6.67 17.91 -6.39
CA ILE A 255 5.91 18.24 -7.59
C ILE A 255 4.84 17.19 -7.86
N VAL A 256 5.11 15.93 -7.53
CA VAL A 256 4.10 14.90 -7.73
C VAL A 256 2.89 15.18 -6.85
N VAL A 257 3.12 15.53 -5.58
CA VAL A 257 2.02 15.88 -4.70
C VAL A 257 1.22 17.03 -5.31
N GLY A 258 1.93 18.03 -5.85
CA GLY A 258 1.24 19.15 -6.47
C GLY A 258 0.39 18.72 -7.65
N ILE A 259 0.88 17.74 -8.43
CA ILE A 259 0.08 17.26 -9.56
C ILE A 259 -1.21 16.63 -9.05
N PHE A 260 -1.12 15.81 -8.01
CA PHE A 260 -2.32 15.18 -7.48
C PHE A 260 -3.27 16.19 -6.86
N GLU A 261 -2.73 17.25 -6.26
CA GLU A 261 -3.58 18.32 -5.76
C GLU A 261 -4.28 19.04 -6.91
N ALA A 262 -3.64 19.17 -8.08
CA ALA A 262 -4.35 19.77 -9.20
C ALA A 262 -5.49 18.85 -9.68
N PHE A 263 -5.23 17.54 -9.74
CA PHE A 263 -6.30 16.58 -10.08
C PHE A 263 -7.52 16.77 -9.19
N ARG A 264 -7.30 16.87 -7.89
CA ARG A 264 -8.44 16.93 -6.97
C ARG A 264 -9.26 18.19 -7.19
N GLN A 265 -8.58 19.31 -7.47
CA GLN A 265 -9.28 20.53 -7.79
C GLN A 265 -9.95 20.48 -9.14
N LEU A 266 -9.35 19.80 -10.12
CA LEU A 266 -9.96 19.71 -11.45
C LEU A 266 -11.16 18.77 -11.45
N GLY A 267 -11.26 17.89 -10.46
CA GLY A 267 -12.43 17.08 -10.25
C GLY A 267 -12.66 15.97 -11.25
N GLU A 268 -11.89 15.90 -12.32
CA GLU A 268 -12.09 14.84 -13.30
C GLU A 268 -11.68 13.50 -12.71
N LYS A 269 -12.49 12.47 -12.98
CA LYS A 269 -12.12 11.11 -12.65
C LYS A 269 -10.90 10.69 -13.45
N ILE A 270 -9.97 9.97 -12.82
CA ILE A 270 -8.74 9.61 -13.49
C ILE A 270 -8.45 8.11 -13.42
N GLY A 271 -9.40 7.33 -12.89
CA GLY A 271 -9.24 5.89 -12.91
C GLY A 271 -8.22 5.37 -11.91
N THR A 272 -7.43 4.38 -12.31
CA THR A 272 -6.61 3.61 -11.40
C THR A 272 -5.16 4.04 -11.48
N VAL A 273 -4.58 4.33 -10.32
CA VAL A 273 -3.20 4.76 -10.17
C VAL A 273 -2.50 3.79 -9.24
N ILE A 274 -1.33 3.34 -9.64
CA ILE A 274 -0.50 2.47 -8.83
C ILE A 274 0.73 3.26 -8.44
N ILE A 275 1.08 3.26 -7.16
CA ILE A 275 2.23 4.01 -6.69
C ILE A 275 3.14 3.09 -5.90
N GLU A 276 4.39 3.05 -6.33
CA GLU A 276 5.46 2.39 -5.58
C GLU A 276 5.97 3.38 -4.54
N GLU A 277 5.63 3.15 -3.25
CA GLU A 277 6.11 3.95 -2.13
C GLU A 277 5.76 5.43 -2.09
N PRO A 278 4.48 5.78 -2.15
CA PRO A 278 4.12 7.20 -2.18
C PRO A 278 4.84 8.12 -1.22
N GLU A 279 5.48 7.56 -0.20
CA GLU A 279 6.13 8.40 0.79
C GLU A 279 7.45 8.94 0.32
N MET A 280 8.06 8.35 -0.71
CA MET A 280 9.50 8.49 -0.80
C MET A 280 9.90 9.94 -1.09
N TYR A 281 10.88 10.39 -0.31
CA TYR A 281 11.48 11.72 -0.37
C TYR A 281 10.51 12.82 0.00
N LEU A 282 9.46 12.50 0.74
CA LEU A 282 8.57 13.51 1.32
C LEU A 282 8.83 13.63 2.82
N HIS A 283 8.82 14.87 3.31
CA HIS A 283 8.79 15.07 4.74
C HIS A 283 7.57 14.33 5.31
N PRO A 284 7.67 13.81 6.55
CA PRO A 284 6.48 13.20 7.18
C PRO A 284 5.22 14.07 7.11
N GLN A 285 5.36 15.39 7.32
CA GLN A 285 4.22 16.29 7.22
C GLN A 285 3.65 16.30 5.81
N ALA A 286 4.53 16.22 4.81
CA ALA A 286 4.06 16.14 3.42
C ALA A 286 3.45 14.79 3.13
N GLN A 287 3.96 13.74 3.78
CA GLN A 287 3.34 12.43 3.63
C GLN A 287 1.94 12.44 4.18
N ARG A 288 1.74 13.16 5.27
CA ARG A 288 0.39 13.27 5.83
C ARG A 288 -0.51 14.03 4.87
N TYR A 289 0.01 15.10 4.28
CA TYR A 289 -0.79 15.86 3.33
C TYR A 289 -1.14 15.00 2.10
N PHE A 290 -0.16 14.28 1.56
CA PHE A 290 -0.40 13.43 0.39
C PHE A 290 -1.42 12.33 0.70
N TYR A 291 -1.24 11.62 1.81
CA TYR A 291 -2.17 10.55 2.18
C TYR A 291 -3.60 11.09 2.31
N ARG A 292 -3.78 12.19 3.01
CA ARG A 292 -5.12 12.78 3.14
C ARG A 292 -5.70 13.09 1.76
N LEU A 293 -4.86 13.57 0.85
CA LEU A 293 -5.29 13.90 -0.50
C LEU A 293 -5.70 12.63 -1.26
N LEU A 294 -4.90 11.58 -1.16
CA LEU A 294 -5.25 10.34 -1.85
C LEU A 294 -6.53 9.74 -1.28
N CYS A 295 -6.72 9.82 0.04
CA CYS A 295 -7.93 9.28 0.64
C CYS A 295 -9.17 10.07 0.23
N GLU A 296 -9.08 11.40 0.13
CA GLU A 296 -10.25 12.14 -0.30
C GLU A 296 -10.64 11.74 -1.73
N MET A 297 -9.65 11.58 -2.62
CA MET A 297 -9.97 11.25 -4.00
C MET A 297 -10.52 9.84 -4.14
N ALA A 298 -9.99 8.89 -3.36
CA ALA A 298 -10.52 7.54 -3.37
C ALA A 298 -11.94 7.50 -2.81
N ASP A 299 -12.17 8.19 -1.69
CA ASP A 299 -13.49 8.14 -1.05
C ASP A 299 -14.55 8.83 -1.90
N LYS A 300 -14.20 9.98 -2.48
CA LYS A 300 -15.02 10.73 -3.43
C LYS A 300 -15.21 9.99 -4.74
N ASP A 301 -14.54 8.84 -4.93
CA ASP A 301 -14.72 8.01 -6.12
C ASP A 301 -14.12 8.63 -7.38
N GLN A 302 -13.14 9.50 -7.19
CA GLN A 302 -12.47 10.19 -8.29
C GLN A 302 -11.30 9.41 -8.84
N CYS A 303 -10.85 8.37 -8.14
CA CYS A 303 -9.81 7.49 -8.66
C CYS A 303 -9.71 6.29 -7.73
N GLN A 304 -8.90 5.33 -8.13
CA GLN A 304 -8.52 4.21 -7.30
C GLN A 304 -7.00 4.25 -7.14
N ILE A 305 -6.52 4.14 -5.90
CA ILE A 305 -5.08 4.20 -5.61
C ILE A 305 -4.65 2.84 -5.06
N ILE A 306 -3.66 2.24 -5.71
CA ILE A 306 -3.07 1.00 -5.26
C ILE A 306 -1.59 1.27 -5.04
N TYR A 307 -1.07 0.96 -3.86
CA TYR A 307 0.32 1.28 -3.62
C TYR A 307 0.97 0.31 -2.64
N SER A 308 2.27 0.12 -2.82
CA SER A 308 3.16 -0.41 -1.80
C SER A 308 3.66 0.74 -0.94
N THR A 309 3.92 0.45 0.34
CA THR A 309 4.40 1.48 1.26
C THR A 309 5.21 0.86 2.39
N HIS A 310 6.14 1.66 2.91
CA HIS A 310 6.87 1.35 4.14
C HIS A 310 6.53 2.31 5.25
N SER A 311 5.61 3.22 5.02
CA SER A 311 5.35 4.33 5.92
C SER A 311 4.11 4.06 6.74
N PRO A 312 4.16 4.18 8.06
CA PRO A 312 2.92 4.10 8.85
C PRO A 312 1.95 5.25 8.58
N ILE A 313 2.35 6.27 7.82
CA ILE A 313 1.41 7.34 7.55
C ILE A 313 0.45 6.93 6.44
N PHE A 314 0.91 6.11 5.49
CA PHE A 314 0.08 5.61 4.39
C PHE A 314 -0.59 4.27 4.71
N ALA A 315 -0.30 3.65 5.84
CA ALA A 315 -0.90 2.36 6.17
C ALA A 315 -1.63 2.56 7.50
N ASP A 316 -2.89 2.98 7.40
CA ASP A 316 -3.69 3.40 8.55
C ASP A 316 -4.47 2.21 9.10
N VAL A 317 -4.28 1.91 10.39
CA VAL A 317 -5.01 0.78 10.97
C VAL A 317 -6.51 1.07 11.00
N ASN A 318 -6.92 2.32 11.08
CA ASN A 318 -8.35 2.61 11.11
C ASN A 318 -8.99 2.37 9.76
N ARG A 319 -8.19 2.28 8.71
CA ARG A 319 -8.71 1.96 7.39
C ARG A 319 -8.11 0.55 7.28
N PHE A 320 -8.90 -0.47 7.62
CA PHE A 320 -8.34 -1.81 7.75
C PHE A 320 -8.80 -2.48 6.46
N GLU A 321 -9.87 -1.98 5.82
CA GLU A 321 -10.28 -2.58 4.55
C GLU A 321 -9.20 -2.43 3.50
N ALA A 322 -8.38 -1.37 3.56
CA ALA A 322 -7.37 -1.13 2.55
C ALA A 322 -6.17 -2.07 2.65
N LEU A 323 -5.98 -2.70 3.82
CA LEU A 323 -4.72 -3.35 4.14
C LEU A 323 -4.56 -4.68 3.45
N ARG A 324 -3.39 -4.87 2.85
CA ARG A 324 -2.93 -6.15 2.34
C ARG A 324 -1.51 -6.35 2.85
N LEU A 325 -1.27 -7.44 3.57
CA LEU A 325 0.05 -7.72 4.13
C LEU A 325 0.66 -8.92 3.42
N VAL A 326 1.86 -8.73 2.86
CA VAL A 326 2.50 -9.69 1.96
C VAL A 326 3.80 -10.16 2.59
N ARG A 327 3.99 -11.49 2.66
CA ARG A 327 5.22 -12.00 3.22
C ARG A 327 5.40 -13.47 2.84
N LYS A 328 6.63 -13.96 3.00
CA LYS A 328 6.96 -15.35 2.69
C LYS A 328 6.82 -16.19 3.96
N ASP A 329 6.19 -17.36 3.83
CA ASP A 329 5.98 -18.25 4.96
C ASP A 329 7.21 -19.13 5.16
N ARG A 330 7.11 -20.09 6.08
CA ARG A 330 8.27 -20.91 6.43
C ARG A 330 8.97 -21.47 5.21
N ASP A 331 8.25 -21.64 4.10
CA ASP A 331 8.76 -22.32 2.93
C ASP A 331 9.13 -21.38 1.78
N ASP A 332 9.20 -20.07 2.05
CA ASP A 332 9.44 -19.05 1.01
C ASP A 332 8.26 -18.92 0.06
N ARG A 333 7.08 -19.27 0.54
CA ARG A 333 5.84 -19.17 -0.22
C ARG A 333 5.19 -17.83 0.11
N VAL A 334 4.91 -17.04 -0.93
CA VAL A 334 4.29 -15.74 -0.67
C VAL A 334 2.82 -15.92 -0.33
N VAL A 335 2.41 -15.25 0.72
CA VAL A 335 1.09 -15.34 1.31
C VAL A 335 0.63 -13.90 1.50
N VAL A 336 -0.62 -13.61 1.15
CA VAL A 336 -1.19 -12.29 1.33
C VAL A 336 -2.31 -12.37 2.34
N SER A 337 -2.35 -11.42 3.27
CA SER A 337 -3.37 -11.36 4.32
C SER A 337 -4.13 -10.05 4.24
N TYR A 338 -5.38 -10.09 4.69
CA TYR A 338 -6.32 -8.97 4.63
C TYR A 338 -7.56 -9.35 5.42
N VAL A 339 -8.35 -8.34 5.78
CA VAL A 339 -9.62 -8.61 6.44
C VAL A 339 -10.58 -9.23 5.43
N ARG A 340 -11.06 -10.43 5.73
CA ARG A 340 -12.03 -11.11 4.88
C ARG A 340 -13.37 -10.40 4.91
N GLU A 341 -14.12 -10.53 3.81
CA GLU A 341 -15.43 -9.89 3.71
C GLU A 341 -16.35 -10.25 4.87
N GLU A 342 -16.54 -11.54 5.12
CA GLU A 342 -17.26 -12.03 6.28
C GLU A 342 -16.96 -11.21 7.54
N ASP A 343 -15.67 -10.92 7.77
CA ASP A 343 -15.23 -10.34 9.03
C ASP A 343 -15.32 -8.83 9.09
N LYS A 344 -15.56 -8.15 7.96
CA LYS A 344 -15.50 -6.70 7.95
C LYS A 344 -16.50 -6.07 8.92
N SER A 345 -17.71 -6.63 9.02
CA SER A 345 -18.73 -5.95 9.80
C SER A 345 -18.42 -6.02 11.30
N ALA A 346 -17.92 -7.15 11.79
CA ALA A 346 -17.54 -7.24 13.20
C ALA A 346 -16.41 -6.27 13.55
N LEU A 347 -15.36 -6.23 12.73
CA LEU A 347 -14.28 -5.28 12.99
C LEU A 347 -14.77 -3.83 12.87
N ASP A 348 -15.69 -3.56 11.95
CA ASP A 348 -16.20 -2.20 11.81
C ASP A 348 -16.96 -1.78 13.06
N ASN A 349 -17.75 -2.68 13.63
CA ASN A 349 -18.39 -2.41 14.91
C ASN A 349 -17.37 -2.06 15.97
N VAL A 350 -16.24 -2.78 15.99
CA VAL A 350 -15.22 -2.52 17.00
C VAL A 350 -14.57 -1.17 16.74
N ARG A 351 -14.41 -0.81 15.46
CA ARG A 351 -13.85 0.49 15.14
C ARG A 351 -14.75 1.61 15.62
N ASN A 352 -16.08 1.42 15.52
CA ASN A 352 -17.03 2.44 15.97
C ASN A 352 -17.04 2.57 17.48
N ARG A 353 -17.00 1.45 18.20
CA ARG A 353 -16.98 1.52 19.66
C ARG A 353 -15.74 2.26 20.12
N PHE A 354 -14.64 2.13 19.39
CA PHE A 354 -13.44 2.85 19.78
C PHE A 354 -13.57 4.35 19.49
N LYS A 355 -14.30 4.72 18.44
CA LYS A 355 -14.39 6.13 18.09
C LYS A 355 -15.19 6.94 19.11
N LEU A 356 -15.99 6.32 19.98
CA LEU A 356 -16.64 7.06 21.06
C LEU A 356 -15.63 7.27 22.18
N GLY A 357 -15.10 8.49 22.28
CA GLY A 357 -14.12 8.82 23.31
C GLY A 357 -12.70 8.44 23.01
N GLY A 358 -12.45 7.56 22.05
CA GLY A 358 -11.09 7.19 21.70
C GLY A 358 -10.44 8.24 20.83
N ARG A 359 -9.10 8.28 20.86
CA ARG A 359 -8.33 9.19 20.03
C ARG A 359 -7.38 8.39 19.17
N PHE A 360 -7.24 8.81 17.91
CA PHE A 360 -6.40 8.13 16.94
C PHE A 360 -4.95 8.55 17.07
N ASP A 361 -4.05 7.62 16.73
CA ASP A 361 -2.62 7.82 16.92
C ASP A 361 -1.89 7.06 15.83
N THR A 362 -1.28 7.81 14.91
CA THR A 362 -0.55 7.23 13.79
C THR A 362 0.51 6.25 14.24
N ALA A 363 1.14 6.50 15.40
CA ALA A 363 2.19 5.59 15.86
C ALA A 363 1.71 4.17 15.95
N ARG A 364 0.41 3.96 16.18
CA ARG A 364 -0.12 2.60 16.28
C ARG A 364 0.01 1.83 14.97
N ASN A 365 0.16 2.53 13.83
CA ASN A 365 0.26 1.80 12.57
C ASN A 365 1.55 1.00 12.46
N GLU A 366 2.58 1.32 13.26
CA GLU A 366 3.79 0.52 13.31
C GLU A 366 3.50 -0.97 13.48
N VAL A 367 2.37 -1.31 14.10
CA VAL A 367 2.03 -2.73 14.23
C VAL A 367 2.10 -3.43 12.90
N LEU A 368 1.82 -2.71 11.80
CA LEU A 368 1.75 -3.36 10.50
C LEU A 368 3.13 -3.67 9.94
N PHE A 369 4.20 -3.16 10.53
CA PHE A 369 5.53 -3.34 9.98
C PHE A 369 6.42 -4.22 10.84
N ALA A 370 5.88 -4.82 11.89
CA ALA A 370 6.68 -5.48 12.90
C ALA A 370 6.60 -6.99 12.74
N LYS A 371 7.63 -7.67 13.24
CA LYS A 371 7.57 -9.13 13.33
C LYS A 371 6.56 -9.57 14.38
N ARG A 372 6.43 -8.80 15.47
CA ARG A 372 5.55 -9.13 16.58
C ARG A 372 5.17 -7.84 17.31
N ALA A 373 4.01 -7.84 17.95
CA ALA A 373 3.51 -6.66 18.65
C ALA A 373 3.13 -7.01 20.08
N LEU A 374 3.53 -6.15 21.01
CA LEU A 374 2.99 -6.12 22.37
C LEU A 374 1.98 -4.99 22.45
N LEU A 375 0.71 -5.33 22.71
CA LEU A 375 -0.38 -4.37 22.77
C LEU A 375 -0.65 -3.98 24.22
N VAL A 376 -0.54 -2.69 24.57
CA VAL A 376 -0.84 -2.20 25.91
C VAL A 376 -1.87 -1.07 25.81
N GLU A 377 -2.44 -0.72 26.98
CA GLU A 377 -3.53 0.26 27.02
C GLU A 377 -3.07 1.66 26.68
N GLY A 378 -1.95 2.10 27.26
CA GLY A 378 -1.76 3.54 27.35
C GLY A 378 -0.30 3.94 27.46
N TYR A 379 -0.10 5.25 27.56
CA TYR A 379 1.25 5.80 27.51
C TYR A 379 2.10 5.26 28.66
N GLY A 380 1.56 5.31 29.88
CA GLY A 380 2.28 4.77 31.02
C GLY A 380 2.63 3.30 30.86
N ASP A 381 1.77 2.53 30.20
CA ASP A 381 2.07 1.11 30.05
C ASP A 381 3.21 0.90 29.07
N ARG A 382 3.26 1.70 28.00
CA ARG A 382 4.36 1.61 27.05
C ARG A 382 5.68 1.94 27.72
N VAL A 383 5.73 3.07 28.45
CA VAL A 383 6.94 3.44 29.18
C VAL A 383 7.42 2.28 30.05
N ALA A 384 6.49 1.68 30.79
CA ALA A 384 6.88 0.59 31.68
C ALA A 384 7.34 -0.63 30.89
N ALA A 385 6.61 -0.98 29.82
CA ALA A 385 7.04 -2.06 28.95
C ALA A 385 8.48 -1.85 28.46
N LEU A 386 8.76 -0.68 27.88
CA LEU A 386 10.09 -0.45 27.30
C LEU A 386 11.19 -0.46 28.34
N GLN A 387 10.90 0.01 29.56
CA GLN A 387 11.90 -0.10 30.60
C GLN A 387 12.12 -1.57 31.00
N LEU A 388 11.07 -2.39 31.00
CA LEU A 388 11.28 -3.80 31.31
C LEU A 388 12.04 -4.50 30.20
N PHE A 389 11.72 -4.21 28.94
CA PHE A 389 12.55 -4.71 27.84
C PHE A 389 14.01 -4.42 28.13
N ASN A 390 14.30 -3.19 28.52
CA ASN A 390 15.69 -2.80 28.76
C ASN A 390 16.30 -3.60 29.92
N GLN A 391 15.50 -3.90 30.95
CA GLN A 391 16.00 -4.69 32.06
C GLN A 391 16.11 -6.17 31.72
N LEU A 392 15.35 -6.64 30.74
CA LEU A 392 15.49 -8.00 30.28
C LEU A 392 16.58 -8.13 29.24
N GLU A 393 17.20 -7.01 28.89
CA GLU A 393 18.30 -6.98 27.93
C GLU A 393 17.82 -7.40 26.54
N VAL A 394 16.65 -6.91 26.17
CA VAL A 394 16.11 -7.02 24.82
C VAL A 394 15.94 -5.61 24.26
N ASP A 395 16.34 -5.43 23.00
CA ASP A 395 16.10 -4.18 22.30
C ASP A 395 14.94 -4.37 21.32
N PRO A 396 13.76 -3.82 21.59
CA PRO A 396 12.60 -4.13 20.73
C PRO A 396 12.77 -3.64 19.32
N ASP A 397 13.49 -2.55 19.10
CA ASP A 397 13.71 -2.10 17.73
C ASP A 397 14.56 -3.11 16.96
N ALA A 398 15.62 -3.64 17.58
CA ALA A 398 16.45 -4.61 16.89
C ALA A 398 15.69 -5.92 16.62
N GLU A 399 14.72 -6.26 17.46
CA GLU A 399 13.97 -7.50 17.32
C GLU A 399 12.71 -7.33 16.47
N CYS A 400 12.46 -6.12 15.97
CA CYS A 400 11.23 -5.74 15.25
C CYS A 400 9.98 -6.09 16.05
N ILE A 401 10.01 -5.79 17.35
CA ILE A 401 8.83 -5.88 18.20
C ILE A 401 8.26 -4.50 18.37
N ALA A 402 7.01 -4.30 17.95
CA ALA A 402 6.33 -3.04 18.19
C ALA A 402 5.61 -3.08 19.53
N VAL A 403 5.91 -2.13 20.39
CA VAL A 403 5.14 -1.92 21.61
C VAL A 403 4.14 -0.82 21.31
N VAL A 404 2.86 -1.15 21.35
CA VAL A 404 1.81 -0.29 20.80
C VAL A 404 0.90 0.19 21.91
N ASP A 405 0.85 1.51 22.10
CA ASP A 405 -0.10 2.19 22.98
C ASP A 405 -1.44 2.27 22.25
N CYS A 406 -2.40 1.47 22.67
CA CYS A 406 -3.61 1.30 21.85
C CYS A 406 -4.72 2.29 22.21
N GLY A 407 -4.55 3.09 23.24
CA GLY A 407 -5.60 4.03 23.60
C GLY A 407 -6.73 3.45 24.41
N GLY A 408 -6.46 2.46 25.26
CA GLY A 408 -7.46 1.89 26.16
C GLY A 408 -7.95 0.56 25.64
N LYS A 409 -8.90 -0.03 26.38
CA LYS A 409 -9.25 -1.42 26.11
C LYS A 409 -9.97 -1.55 24.76
N ALA A 410 -10.94 -0.68 24.48
CA ALA A 410 -11.59 -0.68 23.18
C ALA A 410 -10.58 -0.51 22.06
N GLY A 411 -9.51 0.25 22.31
CA GLY A 411 -8.45 0.40 21.32
C GLY A 411 -7.68 -0.89 21.12
N ILE A 412 -7.49 -1.66 22.20
CA ILE A 412 -6.82 -2.96 22.09
C ILE A 412 -7.64 -3.93 21.23
N GLU A 413 -8.93 -4.06 21.53
CA GLU A 413 -9.83 -4.82 20.66
C GLU A 413 -9.58 -4.52 19.19
N LEU A 414 -9.51 -3.24 18.84
CA LEU A 414 -9.38 -2.88 17.43
C LEU A 414 -8.08 -3.45 16.87
N ILE A 415 -6.95 -3.20 17.55
CA ILE A 415 -5.66 -3.62 17.01
C ILE A 415 -5.55 -5.13 17.02
N VAL A 416 -6.09 -5.79 18.05
CA VAL A 416 -6.15 -7.24 18.06
C VAL A 416 -6.88 -7.76 16.82
N GLY A 417 -8.03 -7.18 16.50
CA GLY A 417 -8.80 -7.65 15.35
C GLY A 417 -8.06 -7.50 14.03
N VAL A 418 -7.30 -6.42 13.89
CA VAL A 418 -6.47 -6.23 12.70
C VAL A 418 -5.32 -7.24 12.71
N CYS A 419 -4.60 -7.35 13.84
CA CYS A 419 -3.51 -8.33 13.92
C CYS A 419 -4.02 -9.75 13.65
N LYS A 420 -5.15 -10.12 14.24
CA LYS A 420 -5.71 -11.43 13.98
C LYS A 420 -6.00 -11.60 12.48
N ALA A 421 -6.68 -10.62 11.88
CA ALA A 421 -7.00 -10.71 10.45
C ALA A 421 -5.75 -10.71 9.58
N LEU A 422 -4.65 -10.15 10.06
CA LEU A 422 -3.46 -10.04 9.23
C LEU A 422 -2.40 -11.07 9.55
N ASP A 423 -2.64 -11.92 10.54
CA ASP A 423 -1.66 -12.90 11.00
C ASP A 423 -0.37 -12.25 11.50
N ILE A 424 -0.49 -11.15 12.23
CA ILE A 424 0.63 -10.57 12.96
C ILE A 424 0.63 -11.19 14.36
N PRO A 425 1.72 -11.81 14.80
CA PRO A 425 1.77 -12.32 16.17
C PRO A 425 1.75 -11.18 17.16
N PHE A 426 1.08 -11.39 18.29
CA PHE A 426 0.94 -10.30 19.26
C PHE A 426 0.75 -10.89 20.65
N VAL A 427 1.05 -10.07 21.66
CA VAL A 427 0.67 -10.32 23.04
C VAL A 427 -0.08 -9.08 23.55
N VAL A 428 -1.13 -9.30 24.34
CA VAL A 428 -1.86 -8.24 25.01
C VAL A 428 -1.51 -8.25 26.50
N VAL A 429 -1.24 -7.06 27.07
CA VAL A 429 -1.26 -6.88 28.52
C VAL A 429 -2.20 -5.73 28.82
N HIS A 430 -3.05 -5.91 29.82
CA HIS A 430 -3.87 -4.79 30.29
C HIS A 430 -4.20 -4.99 31.77
N ASP A 431 -4.70 -3.92 32.39
CA ASP A 431 -5.13 -3.97 33.78
C ASP A 431 -6.50 -4.60 33.90
N GLU A 432 -6.75 -5.24 35.05
CA GLU A 432 -8.09 -5.73 35.33
C GLU A 432 -9.06 -4.59 35.60
N ASP A 433 -8.69 -3.68 36.50
CA ASP A 433 -9.49 -2.48 36.82
C ASP A 433 -10.83 -2.84 37.47
N VAL A 434 -10.80 -3.85 38.32
CA VAL A 434 -11.94 -4.25 39.14
C VAL A 434 -11.52 -4.05 40.59
N TRP A 435 -12.38 -3.42 41.38
CA TRP A 435 -11.98 -3.01 42.72
C TRP A 435 -13.03 -3.45 43.73
N PRO A 436 -12.63 -3.86 44.93
CA PRO A 436 -13.63 -4.20 45.93
C PRO A 436 -14.47 -2.98 46.31
N ILE A 437 -15.74 -3.24 46.61
CA ILE A 437 -16.66 -2.16 46.94
C ILE A 437 -16.46 -1.77 48.39
N ASP A 438 -16.33 -0.47 48.63
CA ASP A 438 -16.20 0.07 49.98
C ASP A 438 -17.60 0.07 50.62
N GLU A 439 -17.85 -0.89 51.51
CA GLU A 439 -19.17 -1.01 52.11
C GLU A 439 -19.53 0.19 53.00
N ARG A 440 -18.57 1.06 53.33
CA ARG A 440 -18.89 2.27 54.07
C ARG A 440 -19.29 3.45 53.18
N ALA A 441 -19.01 3.40 51.88
CA ALA A 441 -19.34 4.52 51.01
C ALA A 441 -20.86 4.74 50.93
N ASP A 442 -21.24 5.83 50.30
CA ASP A 442 -22.66 6.11 50.13
C ASP A 442 -23.25 5.24 48.99
N GLU A 443 -24.59 5.16 48.97
CA GLU A 443 -25.31 4.35 47.99
C GLU A 443 -24.83 4.60 46.54
N GLU A 444 -24.67 5.86 46.14
CA GLU A 444 -24.31 6.12 44.74
C GLU A 444 -22.91 5.60 44.42
N THR A 445 -21.96 5.76 45.35
CA THR A 445 -20.62 5.28 45.07
C THR A 445 -20.57 3.76 45.01
N ARG A 446 -21.26 3.07 45.93
CA ARG A 446 -21.28 1.61 45.89
C ARG A 446 -21.90 1.11 44.58
N ARG A 447 -23.07 1.67 44.21
CA ARG A 447 -23.73 1.27 42.98
C ARG A 447 -22.84 1.55 41.77
N LYS A 448 -22.19 2.71 41.73
CA LYS A 448 -21.34 3.03 40.58
C LYS A 448 -20.11 2.13 40.53
N GLN A 449 -19.51 1.84 41.69
CA GLN A 449 -18.42 0.87 41.71
C GLN A 449 -18.86 -0.49 41.15
N GLU A 450 -20.00 -1.00 41.61
CA GLU A 450 -20.49 -2.26 41.06
C GLU A 450 -20.63 -2.17 39.55
N GLN A 451 -21.26 -1.10 39.06
CA GLN A 451 -21.51 -1.00 37.64
C GLN A 451 -20.20 -0.86 36.87
N GLU A 452 -19.25 -0.10 37.42
CA GLU A 452 -17.94 0.01 36.76
C GLU A 452 -17.22 -1.34 36.73
N ASN A 453 -17.26 -2.10 37.84
CA ASN A 453 -16.65 -3.43 37.83
C ASN A 453 -17.24 -4.31 36.74
N LYS A 454 -18.57 -4.32 36.59
CA LYS A 454 -19.17 -5.15 35.54
C LYS A 454 -18.77 -4.64 34.16
N ALA A 455 -18.78 -3.33 33.95
CA ALA A 455 -18.34 -2.80 32.66
C ALA A 455 -16.93 -3.24 32.33
N GLU A 456 -16.00 -3.06 33.29
CA GLU A 456 -14.62 -3.50 33.08
C GLU A 456 -14.54 -5.00 32.79
N GLN A 457 -15.34 -5.80 33.52
CA GLN A 457 -15.29 -7.24 33.30
C GLN A 457 -15.75 -7.61 31.91
N GLU A 458 -16.73 -6.87 31.38
CA GLU A 458 -17.18 -7.07 30.01
C GLU A 458 -16.09 -6.71 29.02
N LYS A 459 -15.44 -5.55 29.22
CA LYS A 459 -14.33 -5.16 28.34
C LYS A 459 -13.19 -6.18 28.40
N ASN A 460 -12.88 -6.70 29.60
CA ASN A 460 -11.85 -7.71 29.74
C ASN A 460 -12.23 -8.99 29.01
N GLN A 461 -13.52 -9.36 29.06
CA GLN A 461 -14.00 -10.56 28.39
C GLN A 461 -13.97 -10.41 26.87
N ARG A 462 -14.27 -9.22 26.36
CA ARG A 462 -14.21 -9.05 24.91
C ARG A 462 -12.79 -9.16 24.39
N ILE A 463 -11.81 -8.61 25.13
CA ILE A 463 -10.41 -8.75 24.75
C ILE A 463 -10.01 -10.22 24.73
N GLN A 464 -10.49 -10.97 25.71
CA GLN A 464 -10.16 -12.39 25.80
C GLN A 464 -10.77 -13.18 24.65
N ALA A 465 -11.99 -12.80 24.24
CA ALA A 465 -12.66 -13.47 23.13
C ALA A 465 -11.94 -13.23 21.81
N CYS A 466 -11.50 -12.00 21.54
CA CYS A 466 -10.87 -11.83 20.24
C CYS A 466 -9.41 -12.27 20.26
N ALA A 467 -8.66 -11.99 21.34
CA ALA A 467 -7.24 -12.35 21.32
C ALA A 467 -7.01 -13.83 21.56
N GLY A 468 -7.88 -14.50 22.31
CA GLY A 468 -7.55 -15.81 22.84
C GLY A 468 -6.93 -15.55 24.22
N ALA A 469 -7.06 -16.51 25.15
CA ALA A 469 -6.66 -16.27 26.52
C ALA A 469 -5.16 -16.48 26.56
N GLU A 470 -4.64 -17.39 25.72
CA GLU A 470 -3.22 -17.70 25.73
C GLU A 470 -2.36 -16.53 25.29
N ARG A 471 -2.95 -15.47 24.75
CA ARG A 471 -2.21 -14.30 24.32
C ARG A 471 -2.41 -13.09 25.20
N VAL A 472 -3.17 -13.22 26.30
CA VAL A 472 -3.58 -12.09 27.12
C VAL A 472 -3.06 -12.27 28.53
N PHE A 473 -2.39 -11.23 29.03
CA PHE A 473 -1.93 -11.16 30.42
C PHE A 473 -2.68 -10.04 31.14
N VAL A 474 -3.18 -10.31 32.34
CA VAL A 474 -3.99 -9.33 33.06
C VAL A 474 -3.26 -8.93 34.33
N VAL A 475 -2.95 -7.64 34.47
CA VAL A 475 -2.37 -7.13 35.71
C VAL A 475 -3.50 -6.83 36.69
N GLN A 476 -3.52 -7.54 37.81
CA GLN A 476 -4.54 -7.48 38.87
C GLN A 476 -4.03 -6.72 40.07
N PRO A 477 -4.70 -5.67 40.53
CA PRO A 477 -5.85 -5.04 39.89
C PRO A 477 -5.42 -4.10 38.77
N SER A 478 -4.18 -3.60 38.81
CA SER A 478 -3.70 -2.67 37.78
C SER A 478 -2.21 -2.51 37.91
N LEU A 479 -1.57 -2.05 36.83
CA LEU A 479 -0.13 -1.80 36.87
C LEU A 479 0.21 -0.73 37.88
N GLU A 480 -0.63 0.31 37.99
CA GLU A 480 -0.40 1.32 39.01
C GLU A 480 -0.34 0.71 40.40
N ALA A 481 -1.24 -0.22 40.70
CA ALA A 481 -1.22 -0.83 42.01
C ALA A 481 -0.02 -1.76 42.16
N ALA A 482 0.32 -2.51 41.10
CA ALA A 482 1.51 -3.35 41.16
C ALA A 482 2.79 -2.55 41.41
N LEU A 483 2.86 -1.32 40.87
CA LEU A 483 4.05 -0.51 41.05
C LEU A 483 4.04 0.30 42.34
N GLY A 484 2.89 0.40 43.03
CA GLY A 484 2.75 1.28 44.17
C GLY A 484 2.80 2.75 43.83
N ILE A 485 2.63 3.09 42.59
CA ILE A 485 2.87 4.42 42.08
C ILE A 485 1.59 5.23 42.22
N GLY A 486 1.73 6.52 42.56
CA GLY A 486 0.57 7.37 42.74
C GLY A 486 -0.23 7.60 41.46
N ARG A 487 -1.34 8.34 41.59
CA ARG A 487 -2.09 8.72 40.41
C ARG A 487 -1.37 9.85 39.66
N ASN A 488 -0.87 10.84 40.40
CA ASN A 488 -0.04 11.89 39.81
C ASN A 488 1.02 11.31 38.88
N ALA A 489 1.85 10.41 39.41
CA ALA A 489 3.07 9.96 38.78
C ALA A 489 2.88 8.80 37.80
N SER A 490 1.64 8.34 37.61
CA SER A 490 1.41 7.10 36.86
C SER A 490 2.07 7.10 35.49
N ASP A 491 2.30 8.29 34.91
CA ASP A 491 2.85 8.39 33.56
C ASP A 491 4.21 9.07 33.51
N LYS A 492 4.78 9.46 34.65
CA LYS A 492 6.09 10.12 34.66
C LYS A 492 7.19 9.08 34.43
N PRO A 493 7.90 9.11 33.28
CA PRO A 493 8.85 8.03 32.99
C PRO A 493 9.91 7.82 34.06
N TYR A 494 10.51 8.91 34.59
CA TYR A 494 11.56 8.74 35.59
C TYR A 494 11.04 8.07 36.84
N ARG A 495 9.79 8.34 37.24
CA ARG A 495 9.21 7.66 38.38
C ARG A 495 8.98 6.18 38.08
N ILE A 496 8.43 5.86 36.91
CA ILE A 496 8.23 4.47 36.56
C ILE A 496 9.56 3.74 36.51
N ALA A 497 10.57 4.37 35.91
CA ALA A 497 11.85 3.70 35.74
C ALA A 497 12.50 3.39 37.07
N GLU A 498 12.47 4.34 38.01
CA GLU A 498 13.18 4.06 39.25
C GLU A 498 12.46 3.01 40.07
N ILE A 499 11.13 2.96 40.04
CA ILE A 499 10.44 1.83 40.67
C ILE A 499 10.87 0.52 40.02
N LEU A 500 10.76 0.44 38.69
CA LEU A 500 11.05 -0.82 38.00
C LEU A 500 12.51 -1.23 38.16
N LYS A 501 13.40 -0.26 38.33
CA LYS A 501 14.79 -0.62 38.52
C LYS A 501 15.04 -1.36 39.83
N THR A 502 14.13 -1.29 40.81
CA THR A 502 14.32 -2.04 42.06
C THR A 502 13.73 -3.44 41.99
N VAL A 503 13.04 -3.76 40.90
CA VAL A 503 12.41 -5.10 40.71
C VAL A 503 13.46 -6.07 40.17
N ASP A 504 13.25 -7.38 40.38
CA ASP A 504 14.20 -8.42 39.91
C ASP A 504 13.54 -9.25 38.80
N VAL A 505 13.86 -8.94 37.54
CA VAL A 505 13.29 -9.67 36.38
C VAL A 505 13.29 -11.17 36.68
N GLY A 506 14.22 -11.61 37.54
CA GLY A 506 14.32 -13.04 37.91
C GLY A 506 13.05 -13.55 38.54
N GLN A 507 12.52 -12.81 39.54
CA GLN A 507 11.27 -13.21 40.24
C GLN A 507 10.37 -11.98 40.38
N PRO A 508 9.93 -11.40 39.23
CA PRO A 508 9.04 -10.21 39.38
C PRO A 508 7.92 -10.46 40.40
N PRO A 509 7.55 -9.39 41.18
CA PRO A 509 6.47 -9.63 42.16
C PRO A 509 5.27 -10.36 41.53
N ASP A 510 4.38 -10.91 42.37
CA ASP A 510 3.19 -11.64 41.87
C ASP A 510 2.27 -10.65 41.14
N ALA A 511 2.12 -9.44 41.68
CA ALA A 511 1.25 -8.41 41.07
C ALA A 511 1.85 -7.97 39.72
N LEU A 512 3.18 -7.83 39.65
CA LEU A 512 3.86 -7.43 38.43
C LEU A 512 4.11 -8.59 37.47
N ARG A 513 4.03 -9.82 37.95
CA ARG A 513 4.40 -10.98 37.14
C ARG A 513 3.72 -11.06 35.80
N PRO A 514 2.40 -10.82 35.66
CA PRO A 514 1.80 -10.93 34.33
C PRO A 514 2.35 -9.92 33.35
N PHE A 515 2.85 -8.77 33.85
CA PHE A 515 3.43 -7.78 32.96
C PHE A 515 4.76 -8.25 32.42
N VAL A 516 5.65 -8.75 33.30
CA VAL A 516 6.94 -9.14 32.75
C VAL A 516 6.81 -10.46 31.98
N GLU A 517 5.90 -11.35 32.38
CA GLU A 517 5.70 -12.56 31.58
CA GLU A 517 5.62 -12.57 31.61
C GLU A 517 5.13 -12.23 30.21
N ALA A 518 4.25 -11.23 30.10
CA ALA A 518 3.81 -10.80 28.77
C ALA A 518 5.01 -10.43 27.89
N ILE A 519 5.98 -9.69 28.47
CA ILE A 519 7.14 -9.25 27.70
C ILE A 519 8.03 -10.44 27.34
N ARG A 520 8.16 -11.40 28.26
CA ARG A 520 8.92 -12.61 27.95
C ARG A 520 8.26 -13.42 26.84
N GLN A 521 6.93 -13.49 26.82
CA GLN A 521 6.26 -14.24 25.76
C GLN A 521 6.43 -13.56 24.40
N VAL A 522 6.22 -12.24 24.33
CA VAL A 522 6.33 -11.58 23.03
C VAL A 522 7.77 -11.60 22.52
N THR A 523 8.74 -11.76 23.43
CA THR A 523 10.15 -11.85 23.07
C THR A 523 10.56 -13.25 22.65
N ARG A 524 9.79 -14.27 23.01
CA ARG A 524 10.23 -15.64 22.85
C ARG A 524 10.25 -16.05 21.38
N PRO A 525 11.40 -16.49 20.83
CA PRO A 525 11.52 -16.85 19.41
C PRO A 525 10.55 -17.93 18.99
PT PT B . 11.44 -6.96 -7.80
PT PT C . 10.65 -9.95 -5.29
S SO4 D . 9.18 -6.79 -3.22
O1 SO4 D . 8.67 -7.86 -2.37
O2 SO4 D . 8.29 -5.65 -3.13
O3 SO4 D . 10.51 -6.40 -2.77
O4 SO4 D . 9.25 -7.26 -4.60
S SO4 E . -12.21 0.08 -14.64
O1 SO4 E . -13.31 -0.75 -14.18
O2 SO4 E . -12.68 1.44 -14.86
O3 SO4 E . -11.13 0.07 -13.66
O4 SO4 E . -11.70 -0.46 -15.90
S SO4 F . -8.86 -5.34 -32.58
O1 SO4 F . -8.86 -6.36 -31.54
O2 SO4 F . -10.23 -4.93 -32.85
O3 SO4 F . -8.08 -4.18 -32.14
O4 SO4 F . -8.27 -5.89 -33.79
S SO4 G . -6.59 -13.92 4.84
O1 SO4 G . -7.42 -14.66 5.78
O2 SO4 G . -7.40 -12.85 4.26
O3 SO4 G . -5.46 -13.35 5.55
O4 SO4 G . -6.12 -14.80 3.78
S SO4 H . 9.20 -12.54 5.90
O1 SO4 H . 8.71 -13.33 7.01
O2 SO4 H . 8.29 -11.42 5.69
O3 SO4 H . 10.54 -12.02 6.18
O4 SO4 H . 9.25 -13.36 4.69
S SO4 I . 1.46 12.61 28.29
O1 SO4 I . 1.19 12.19 29.66
O2 SO4 I . 0.65 13.79 27.98
O3 SO4 I . 2.88 12.94 28.15
O4 SO4 I . 1.13 11.54 27.35
S SO4 J . 6.72 15.70 12.25
O1 SO4 J . 5.55 15.37 11.42
O2 SO4 J . 6.27 16.21 13.55
O3 SO4 J . 7.50 16.74 11.59
O4 SO4 J . 7.54 14.52 12.42
S SO4 K . -1.47 -11.00 -27.48
O1 SO4 K . -2.16 -11.94 -26.60
O2 SO4 K . -2.28 -9.80 -27.69
O3 SO4 K . -0.19 -10.62 -26.90
O4 SO4 K . -1.24 -11.66 -28.76
N1 EPE L . -8.55 4.02 42.36
C2 EPE L . -9.70 4.57 41.61
C3 EPE L . -10.92 3.67 41.72
N4 EPE L . -11.16 3.26 43.08
C5 EPE L . -10.06 2.57 43.71
C6 EPE L . -8.82 3.46 43.70
C7 EPE L . -12.02 4.11 43.90
C8 EPE L . -12.24 3.63 45.33
O8 EPE L . -12.52 2.25 45.35
C9 EPE L . -7.70 3.14 41.53
C10 EPE L . -6.44 3.91 41.17
S EPE L . -5.32 2.98 40.10
O1S EPE L . -6.06 2.10 39.23
O2S EPE L . -4.39 2.20 40.91
O3S EPE L . -4.57 3.91 39.27
H21 EPE L . -9.42 4.69 40.57
H22 EPE L . -9.94 5.55 42.01
H31 EPE L . -11.79 4.19 41.34
H32 EPE L . -10.77 2.77 41.11
H51 EPE L . -9.85 1.64 43.17
H52 EPE L . -10.32 2.32 44.74
H61 EPE L . -7.96 2.87 44.02
H62 EPE L . -8.96 4.27 44.40
H71 EPE L . -12.98 4.20 43.41
H72 EPE L . -11.57 5.11 43.94
H81 EPE L . -13.08 4.17 45.77
H82 EPE L . -11.36 3.83 45.93
HO8 EPE L . -12.47 1.90 44.43
H91 EPE L . -7.45 2.24 42.08
H92 EPE L . -8.24 2.86 40.63
H101 EPE L . -6.71 4.83 40.66
H102 EPE L . -5.91 4.18 42.09
N1 EPE M . -13.69 4.04 5.96
C2 EPE M . -14.00 4.75 4.70
C3 EPE M . -14.17 3.84 3.47
N4 EPE M . -13.13 2.82 3.38
C5 EPE M . -12.88 2.09 4.60
C6 EPE M . -12.62 3.06 5.76
C7 EPE M . -12.75 2.24 2.08
C8 EPE M . -11.31 1.70 2.04
O8 EPE M . -10.92 1.28 0.75
C9 EPE M . -13.19 5.01 6.97
C10 EPE M . -13.73 4.77 8.39
S EPE M . -12.79 5.54 9.77
O1S EPE M . -12.43 6.92 9.44
O2S EPE M . -13.61 5.56 10.99
O3S EPE M . -11.57 4.80 10.07
H21 EPE M . -13.19 5.46 4.49
H22 EPE M . -14.92 5.33 4.83
H31 EPE M . -14.16 4.44 2.58
H32 EPE M . -15.14 3.34 3.53
H51 EPE M . -12.02 1.44 4.46
H52 EPE M . -13.73 1.47 4.83
H61 EPE M . -11.68 3.59 5.57
H62 EPE M . -12.50 2.47 6.67
H71 EPE M . -12.85 3.02 1.32
H72 EPE M . -13.44 1.43 1.84
H81 EPE M . -11.24 0.85 2.73
H82 EPE M . -10.63 2.47 2.39
HO8 EPE M . -11.00 2.03 0.13
H91 EPE M . -12.11 4.97 6.98
H92 EPE M . -13.49 6.02 6.66
H101 EPE M . -14.75 5.14 8.44
H102 EPE M . -13.74 3.70 8.56
N1 EPE N . -1.69 -4.10 -30.97
C2 EPE N . -1.21 -5.43 -30.54
C3 EPE N . -2.12 -6.51 -31.13
N4 EPE N . -3.54 -6.25 -30.99
C5 EPE N . -4.02 -4.86 -31.00
C6 EPE N . -3.02 -3.87 -30.40
C7 EPE N . -4.45 -7.29 -31.44
C8 EPE N . -5.89 -7.11 -31.00
O8 EPE N . -6.64 -8.28 -31.29
C9 EPE N . -0.74 -3.05 -30.57
C10 EPE N . 0.17 -2.73 -31.75
S EPE N . 1.90 -3.21 -31.50
O1S EPE N . 2.68 -2.04 -31.08
O2S EPE N . 1.97 -4.23 -30.44
O3S EPE N . 2.48 -3.77 -32.73
H21 EPE N . -1.24 -5.49 -29.45
H22 EPE N . -0.18 -5.58 -30.86
H31 EPE N . -1.89 -7.46 -30.66
H32 EPE N . -1.88 -6.60 -32.21
H51 EPE N . -4.95 -4.81 -30.44
H52 EPE N . -4.22 -4.57 -32.03
H61 EPE N . -2.99 -3.99 -29.32
H62 EPE N . -3.34 -2.85 -30.61
H71 EPE N . -4.09 -8.24 -31.06
H72 EPE N . -4.42 -7.33 -32.53
H81 EPE N . -6.34 -6.27 -31.53
H82 EPE N . -5.94 -6.90 -29.93
HO8 EPE N . -6.06 -8.93 -31.75
H91 EPE N . -1.29 -2.16 -30.26
H92 EPE N . -0.14 -3.39 -29.72
H101 EPE N . -0.21 -3.23 -32.64
H102 EPE N . 0.13 -1.65 -31.94
SM SM O . -3.90 1.55 34.33
#